data_4FCG
#
_entry.id   4FCG
#
_cell.length_a   50.463
_cell.length_b   95.228
_cell.length_c   115.465
_cell.angle_alpha   90.00
_cell.angle_beta   90.00
_cell.angle_gamma   90.00
#
_symmetry.space_group_name_H-M   'C 2 2 21'
#
loop_
_entity.id
_entity.type
_entity.pdbx_description
1 polymer 'uncharacterized protein'
2 non-polymer 'CHLORIDE ION'
3 non-polymer 'PHOSPHATE ION'
4 non-polymer 1,2-ETHANEDIOL
5 water water
#
_entity_poly.entity_id   1
_entity_poly.type   'polypeptide(L)'
_entity_poly.pdbx_seq_one_letter_code
;(MSE)GSSHHHHHHSSGRENLYFQGSTALRPYHDVLSQWQRHYNADRNRWHSAWRQANSNNPQIETRTGRALKATADLLE
DATQPGRVALELRSVPLPQFPDQAFRLSHLQH(MSE)TIDAAGL(MSE)ELPDT(MSE)QQFAGLETLTLARNPLRALPA
SIASLNRLRELSIRACPELTELPEPLASTDASGEHQGLVNLQSLRLEWTGIRSLPASIANLQNLKSLKIRNSPLSALGPA
IHHLPKLEELDLRGCTALRNYPPIFGGRAPLKRLILKDCSNLLTLPLDIHRLTQLEKLDLRGCVNLSRLPSLIAQLPANC
IILVPPHLQAQLDQHRPVARPAEP
;
_entity_poly.pdbx_strand_id   A
#
loop_
_chem_comp.id
_chem_comp.type
_chem_comp.name
_chem_comp.formula
CL non-polymer 'CHLORIDE ION' 'Cl -1'
EDO non-polymer 1,2-ETHANEDIOL 'C2 H6 O2'
PO4 non-polymer 'PHOSPHATE ION' 'O4 P -3'
#
# COMPACT_ATOMS: atom_id res chain seq x y z
N LEU A 17 36.62 25.06 -17.36
CA LEU A 17 37.94 24.49 -17.60
C LEU A 17 38.74 24.43 -16.30
N TYR A 18 38.35 25.24 -15.31
CA TYR A 18 39.09 25.27 -14.04
C TYR A 18 38.24 24.91 -12.85
N PHE A 19 37.21 24.10 -13.11
CA PHE A 19 36.40 23.52 -12.04
C PHE A 19 37.30 22.59 -11.22
N GLN A 20 37.15 22.66 -9.90
CA GLN A 20 37.95 21.85 -8.98
C GLN A 20 37.08 21.41 -7.80
N THR A 23 31.72 21.49 -5.12
CA THR A 23 30.31 21.36 -5.47
C THR A 23 29.46 22.42 -4.76
N ALA A 24 28.16 22.41 -5.03
CA ALA A 24 27.22 23.37 -4.44
C ALA A 24 25.83 22.74 -4.16
N LEU A 25 24.87 23.57 -3.76
CA LEU A 25 23.57 23.07 -3.33
C LEU A 25 22.57 24.22 -3.26
N ARG A 26 21.49 24.09 -4.03
N ARG A 26 21.49 24.12 -4.03
CA ARG A 26 20.42 25.08 -4.04
CA ARG A 26 20.47 25.14 -4.07
C ARG A 26 19.79 25.18 -2.65
C ARG A 26 19.74 25.20 -2.72
N PRO A 27 19.56 26.40 -2.17
CA PRO A 27 18.83 26.56 -0.91
C PRO A 27 17.43 25.97 -1.10
N TYR A 28 16.92 25.28 -0.08
CA TYR A 28 15.63 24.61 -0.22
C TYR A 28 14.50 25.60 -0.53
N HIS A 29 14.62 26.82 -0.03
N HIS A 29 14.62 26.82 -0.02
CA HIS A 29 13.59 27.83 -0.29
CA HIS A 29 13.61 27.84 -0.29
C HIS A 29 13.53 28.19 -1.78
C HIS A 29 13.52 28.14 -1.79
N ASP A 30 14.68 28.20 -2.45
CA ASP A 30 14.73 28.40 -3.91
C ASP A 30 14.20 27.18 -4.66
N VAL A 31 14.52 25.99 -4.16
CA VAL A 31 13.97 24.77 -4.73
C VAL A 31 12.44 24.82 -4.65
N LEU A 32 11.91 25.19 -3.49
CA LEU A 32 10.48 25.24 -3.29
C LEU A 32 9.81 26.35 -4.13
N SER A 33 10.47 27.49 -4.32
CA SER A 33 9.87 28.53 -5.14
C SER A 33 9.81 28.11 -6.60
N GLN A 34 10.88 27.49 -7.09
N GLN A 34 10.88 27.49 -7.10
CA GLN A 34 10.90 26.96 -8.45
CA GLN A 34 10.90 26.96 -8.45
C GLN A 34 9.85 25.86 -8.61
C GLN A 34 9.84 25.86 -8.62
N TRP A 35 9.72 25.01 -7.60
CA TRP A 35 8.75 23.92 -7.62
C TRP A 35 7.30 24.46 -7.73
N GLN A 36 7.00 25.53 -6.99
CA GLN A 36 5.67 26.13 -7.03
C GLN A 36 5.37 26.70 -8.41
N ARG A 37 6.28 27.51 -8.93
N ARG A 37 6.27 27.52 -8.92
CA ARG A 37 6.12 28.12 -10.24
CA ARG A 37 6.09 28.12 -10.25
C ARG A 37 5.99 27.07 -11.33
C ARG A 37 5.95 27.04 -11.31
N HIS A 38 6.70 25.96 -11.16
CA HIS A 38 6.68 24.86 -12.14
C HIS A 38 5.31 24.19 -12.20
N TYR A 39 4.81 23.74 -11.06
CA TYR A 39 3.54 23.02 -11.07
C TYR A 39 2.33 23.94 -11.21
N ASN A 40 2.52 25.21 -10.89
CA ASN A 40 1.49 26.21 -11.19
C ASN A 40 1.33 26.41 -12.71
N ALA A 41 2.44 26.40 -13.44
CA ALA A 41 2.41 26.46 -14.91
C ALA A 41 2.01 25.14 -15.58
N ASP A 42 2.58 24.03 -15.11
CA ASP A 42 2.42 22.74 -15.76
C ASP A 42 1.41 21.89 -15.00
N ARG A 43 0.16 21.84 -15.48
CA ARG A 43 -0.89 21.28 -14.65
C ARG A 43 -1.39 19.90 -15.05
N ASN A 44 -0.86 19.42 -16.17
CA ASN A 44 -1.27 18.15 -16.75
C ASN A 44 -1.38 17.02 -15.73
N ARG A 45 -2.51 16.32 -15.76
CA ARG A 45 -2.76 15.13 -14.95
C ARG A 45 -2.99 15.41 -13.46
N TRP A 46 -2.00 16.00 -12.79
CA TRP A 46 -2.10 16.17 -11.35
C TRP A 46 -3.25 17.07 -10.89
N HIS A 47 -3.50 18.15 -11.62
CA HIS A 47 -4.43 19.17 -11.15
C HIS A 47 -5.86 18.68 -11.14
N SER A 48 -6.30 18.02 -12.23
CA SER A 48 -7.64 17.46 -12.22
C SER A 48 -7.76 16.31 -11.21
N ALA A 49 -6.68 15.53 -11.03
CA ALA A 49 -6.73 14.44 -10.05
C ALA A 49 -6.87 14.99 -8.63
N TRP A 50 -6.13 16.06 -8.33
CA TRP A 50 -6.20 16.70 -7.02
C TRP A 50 -7.58 17.31 -6.77
N ARG A 51 -8.13 18.02 -7.76
CA ARG A 51 -9.50 18.56 -7.64
C ARG A 51 -10.57 17.47 -7.54
N GLN A 52 -10.46 16.42 -8.36
CA GLN A 52 -11.42 15.30 -8.34
C GLN A 52 -11.45 14.63 -6.96
N ALA A 53 -10.26 14.35 -6.43
CA ALA A 53 -10.13 13.64 -5.16
C ALA A 53 -10.78 14.43 -4.04
N ASN A 54 -10.87 15.74 -4.24
CA ASN A 54 -11.40 16.65 -3.25
C ASN A 54 -12.75 17.28 -3.60
N SER A 55 -13.46 16.64 -4.52
CA SER A 55 -14.69 17.24 -5.05
C SER A 55 -15.78 17.34 -3.97
N ASN A 56 -15.69 16.54 -2.92
CA ASN A 56 -16.67 16.66 -1.84
C ASN A 56 -16.16 17.42 -0.61
N ASN A 57 -15.09 18.19 -0.81
N ASN A 57 -15.04 18.11 -0.72
CA ASN A 57 -14.44 19.00 0.22
CA ASN A 57 -14.66 19.03 0.34
C ASN A 57 -14.34 20.47 -0.23
C ASN A 57 -14.41 20.41 -0.20
N PRO A 58 -15.45 21.22 -0.18
CA PRO A 58 -15.43 22.60 -0.67
C PRO A 58 -14.63 23.56 0.23
N GLN A 59 -14.19 23.13 1.41
CA GLN A 59 -13.45 24.01 2.31
C GLN A 59 -11.93 24.02 2.09
N ILE A 60 -11.42 23.08 1.30
CA ILE A 60 -9.99 23.11 1.03
C ILE A 60 -9.64 24.30 0.14
N GLU A 61 -8.39 24.76 0.24
CA GLU A 61 -7.88 25.79 -0.67
C GLU A 61 -7.78 25.25 -2.10
N THR A 62 -8.57 25.80 -3.02
N THR A 62 -8.56 25.82 -3.01
CA THR A 62 -8.52 25.36 -4.41
CA THR A 62 -8.55 25.39 -4.40
C THR A 62 -7.87 26.38 -5.35
C THR A 62 -7.87 26.38 -5.35
N ARG A 63 -7.51 27.56 -4.85
CA ARG A 63 -6.80 28.53 -5.69
C ARG A 63 -5.40 27.94 -5.87
N THR A 64 -5.02 27.65 -7.12
CA THR A 64 -3.87 26.79 -7.37
C THR A 64 -2.53 27.25 -6.78
N GLY A 65 -2.17 28.51 -6.99
CA GLY A 65 -0.95 29.07 -6.43
C GLY A 65 -0.92 29.03 -4.91
N ARG A 66 -2.04 29.41 -4.29
CA ARG A 66 -2.14 29.40 -2.82
C ARG A 66 -2.02 27.97 -2.28
N ALA A 67 -2.61 27.02 -2.98
CA ALA A 67 -2.60 25.64 -2.52
C ALA A 67 -1.19 25.06 -2.61
N LEU A 68 -0.48 25.35 -3.70
CA LEU A 68 0.93 24.90 -3.84
C LEU A 68 1.87 25.58 -2.82
N LYS A 69 1.57 26.83 -2.50
CA LYS A 69 2.33 27.54 -1.48
C LYS A 69 2.12 26.88 -0.11
N ALA A 70 0.89 26.47 0.18
CA ALA A 70 0.60 25.77 1.43
C ALA A 70 1.42 24.48 1.51
N THR A 71 1.50 23.76 0.41
CA THR A 71 2.32 22.53 0.37
C THR A 71 3.80 22.85 0.61
N ALA A 72 4.32 23.83 -0.12
CA ALA A 72 5.70 24.26 0.04
C ALA A 72 6.04 24.61 1.50
N ASP A 73 5.13 25.33 2.15
CA ASP A 73 5.35 25.71 3.54
C ASP A 73 5.41 24.50 4.45
N LEU A 74 4.55 23.52 4.21
CA LEU A 74 4.56 22.29 5.01
C LEU A 74 5.84 21.49 4.78
N LEU A 75 6.29 21.47 3.53
CA LEU A 75 7.55 20.80 3.19
C LEU A 75 8.74 21.44 3.92
N GLU A 76 8.79 22.77 3.89
CA GLU A 76 9.87 23.47 4.56
C GLU A 76 9.85 23.24 6.07
N ASP A 77 8.66 23.25 6.66
N ASP A 77 8.66 23.26 6.67
CA ASP A 77 8.49 22.96 8.09
CA ASP A 77 8.49 22.96 8.09
C ASP A 77 8.98 21.56 8.46
C ASP A 77 8.99 21.57 8.45
N ALA A 78 8.73 20.59 7.59
CA ALA A 78 9.06 19.19 7.86
C ALA A 78 10.55 18.92 7.95
N THR A 79 11.33 19.83 7.38
CA THR A 79 12.78 19.67 7.37
C THR A 79 13.37 20.01 8.73
N GLN A 80 12.64 20.77 9.53
CA GLN A 80 13.19 21.27 10.80
C GLN A 80 13.31 20.10 11.79
N PRO A 81 14.25 20.19 12.74
CA PRO A 81 14.22 19.15 13.76
C PRO A 81 12.95 19.27 14.60
N GLY A 82 12.53 18.18 15.20
CA GLY A 82 11.28 18.17 15.92
C GLY A 82 10.23 17.37 15.17
N ARG A 83 10.09 17.69 13.89
CA ARG A 83 9.00 17.14 13.09
C ARG A 83 9.18 15.62 12.91
N VAL A 84 8.20 14.87 13.38
CA VAL A 84 8.23 13.40 13.31
C VAL A 84 7.42 12.93 12.10
N ALA A 85 6.47 13.77 11.69
CA ALA A 85 5.47 13.39 10.70
C ALA A 85 5.23 14.49 9.66
N LEU A 86 5.10 14.10 8.40
CA LEU A 86 4.69 14.99 7.31
C LEU A 86 3.33 14.52 6.85
N GLU A 87 2.30 15.32 7.11
CA GLU A 87 0.92 14.95 6.84
C GLU A 87 0.38 15.87 5.77
N LEU A 88 0.30 15.38 4.55
CA LEU A 88 -0.18 16.18 3.44
C LEU A 88 -1.57 15.68 3.10
N ARG A 89 -2.59 16.42 3.55
CA ARG A 89 -3.97 16.04 3.28
C ARG A 89 -4.71 17.09 2.47
N SER A 90 -5.01 16.74 1.22
CA SER A 90 -5.77 17.59 0.31
C SER A 90 -5.02 18.84 -0.13
N VAL A 91 -3.72 18.86 0.12
CA VAL A 91 -2.86 19.88 -0.46
C VAL A 91 -2.11 19.25 -1.62
N PRO A 92 -1.85 20.03 -2.68
CA PRO A 92 -1.32 19.39 -3.89
C PRO A 92 0.18 19.06 -3.81
N LEU A 93 0.53 17.85 -4.21
CA LEU A 93 1.93 17.46 -4.25
C LEU A 93 2.10 16.52 -5.43
N PRO A 94 2.25 17.09 -6.64
CA PRO A 94 2.34 16.27 -7.86
C PRO A 94 3.55 15.35 -7.83
N GLN A 95 4.67 15.90 -7.36
CA GLN A 95 5.88 15.16 -7.03
C GLN A 95 6.59 15.90 -5.91
N PHE A 96 7.46 15.20 -5.19
CA PHE A 96 8.32 15.86 -4.22
C PHE A 96 9.31 16.74 -4.96
N PRO A 97 9.63 17.91 -4.38
CA PRO A 97 10.74 18.73 -4.87
C PRO A 97 12.06 17.97 -4.70
N ASP A 98 13.10 18.41 -5.39
CA ASP A 98 14.42 17.82 -5.19
C ASP A 98 14.89 18.01 -3.74
N GLN A 99 15.97 17.33 -3.38
CA GLN A 99 16.54 17.33 -2.02
C GLN A 99 15.62 16.67 -1.01
N ALA A 100 14.98 15.58 -1.43
CA ALA A 100 14.10 14.82 -0.56
C ALA A 100 14.81 14.23 0.66
N PHE A 101 16.14 14.06 0.59
CA PHE A 101 16.93 13.54 1.71
C PHE A 101 16.82 14.40 2.96
N ARG A 102 16.38 15.65 2.79
CA ARG A 102 16.08 16.52 3.93
C ARG A 102 14.98 15.98 4.84
N LEU A 103 14.22 15.01 4.33
CA LEU A 103 13.10 14.41 5.07
C LEU A 103 13.46 13.03 5.63
N SER A 104 14.76 12.69 5.64
CA SER A 104 15.23 11.37 6.06
C SER A 104 14.93 11.05 7.52
N HIS A 105 14.69 12.09 8.32
CA HIS A 105 14.44 11.89 9.75
C HIS A 105 12.96 11.57 10.05
N LEU A 106 12.07 11.82 9.10
CA LEU A 106 10.63 11.62 9.31
C LEU A 106 10.31 10.16 9.58
N GLN A 107 9.43 9.93 10.56
CA GLN A 107 9.05 8.58 10.91
C GLN A 107 7.66 8.20 10.37
N HIS A 108 6.87 9.22 10.02
CA HIS A 108 5.51 8.99 9.49
C HIS A 108 5.26 9.91 8.34
N MSE A 109 4.58 9.41 7.33
CA MSE A 109 4.22 10.23 6.19
C MSE A 109 2.87 9.81 5.64
O MSE A 109 2.60 8.62 5.48
CB MSE A 109 5.30 10.12 5.11
CG MSE A 109 4.98 10.83 3.78
SE MSE A 109 6.55 10.72 2.60
CE MSE A 109 7.65 11.94 3.56
N THR A 110 2.02 10.79 5.36
CA THR A 110 0.72 10.59 4.75
C THR A 110 0.58 11.56 3.59
N ILE A 111 0.20 11.04 2.43
CA ILE A 111 -0.06 11.87 1.27
C ILE A 111 -1.40 11.44 0.72
N ASP A 112 -2.39 12.29 0.95
CA ASP A 112 -3.79 11.95 0.75
C ASP A 112 -4.47 13.00 -0.12
N ALA A 113 -5.02 12.57 -1.27
CA ALA A 113 -5.79 13.42 -2.16
C ALA A 113 -4.98 14.63 -2.61
N ALA A 114 -3.76 14.35 -3.07
CA ALA A 114 -2.76 15.38 -3.33
C ALA A 114 -2.38 15.48 -4.82
N GLY A 115 -3.04 14.69 -5.67
CA GLY A 115 -2.62 14.65 -7.06
C GLY A 115 -1.21 14.08 -7.25
N LEU A 116 -0.76 13.29 -6.27
CA LEU A 116 0.59 12.70 -6.33
C LEU A 116 0.74 11.77 -7.54
N MSE A 117 1.66 12.11 -8.43
CA MSE A 117 1.88 11.34 -9.66
C MSE A 117 3.01 10.32 -9.58
O MSE A 117 2.95 9.25 -10.22
CB MSE A 117 2.18 12.28 -10.81
CG MSE A 117 1.00 13.14 -11.22
SE MSE A 117 1.53 14.27 -12.71
CE MSE A 117 3.07 15.12 -11.89
N GLU A 118 4.05 10.65 -8.83
CA GLU A 118 5.18 9.74 -8.69
C GLU A 118 6.00 10.07 -7.45
N LEU A 119 6.57 9.02 -6.85
CA LEU A 119 7.43 9.16 -5.69
C LEU A 119 8.87 9.23 -6.19
N PRO A 120 9.80 9.77 -5.37
CA PRO A 120 11.21 9.86 -5.76
C PRO A 120 11.78 8.48 -6.10
N ASP A 121 12.62 8.43 -7.13
CA ASP A 121 13.24 7.19 -7.56
C ASP A 121 14.16 6.64 -6.48
N THR A 122 14.65 7.52 -5.60
CA THR A 122 15.55 7.10 -4.53
C THR A 122 14.85 7.21 -3.17
N MSE A 123 14.05 6.21 -2.85
CA MSE A 123 13.25 6.21 -1.60
C MSE A 123 14.11 6.09 -0.34
O MSE A 123 13.63 6.33 0.77
CB MSE A 123 12.21 5.08 -1.61
CG MSE A 123 11.05 5.30 -2.56
SE MSE A 123 10.04 6.94 -2.18
CE MSE A 123 9.26 6.43 -0.47
N GLN A 124 15.38 5.72 -0.52
CA GLN A 124 16.34 5.71 0.57
C GLN A 124 16.42 7.07 1.25
N GLN A 125 16.05 8.12 0.53
CA GLN A 125 16.01 9.46 1.10
C GLN A 125 15.00 9.59 2.23
N PHE A 126 14.00 8.70 2.27
CA PHE A 126 13.06 8.65 3.40
C PHE A 126 13.40 7.52 4.37
N ALA A 127 14.68 7.38 4.69
CA ALA A 127 15.17 6.22 5.47
C ALA A 127 14.53 6.04 6.85
N GLY A 128 13.98 7.12 7.42
CA GLY A 128 13.48 7.07 8.77
C GLY A 128 12.07 6.53 8.89
N LEU A 129 11.38 6.39 7.76
CA LEU A 129 9.94 6.09 7.79
C LEU A 129 9.57 4.79 8.44
N GLU A 130 8.62 4.87 9.37
CA GLU A 130 8.05 3.69 10.03
C GLU A 130 6.65 3.41 9.51
N THR A 131 5.94 4.46 9.08
CA THR A 131 4.64 4.28 8.43
C THR A 131 4.52 5.18 7.21
N LEU A 132 3.85 4.68 6.18
CA LEU A 132 3.61 5.44 4.96
C LEU A 132 2.20 5.17 4.48
N THR A 133 1.43 6.24 4.26
CA THR A 133 0.06 6.10 3.81
C THR A 133 -0.11 6.96 2.56
N LEU A 134 -0.53 6.34 1.46
CA LEU A 134 -0.79 7.03 0.20
C LEU A 134 -2.25 6.79 -0.14
N ALA A 135 -3.02 7.86 -0.33
CA ALA A 135 -4.45 7.68 -0.59
C ALA A 135 -4.96 8.67 -1.61
N ARG A 136 -5.90 8.22 -2.44
CA ARG A 136 -6.60 9.07 -3.38
C ARG A 136 -5.66 9.86 -4.29
N ASN A 137 -4.68 9.17 -4.87
CA ASN A 137 -3.72 9.79 -5.78
C ASN A 137 -3.71 9.08 -7.14
N PRO A 138 -3.33 9.79 -8.22
CA PRO A 138 -3.25 9.16 -9.54
C PRO A 138 -1.95 8.37 -9.76
N LEU A 139 -1.26 8.05 -8.67
CA LEU A 139 -0.02 7.28 -8.68
C LEU A 139 -0.09 6.01 -9.56
N ARG A 140 0.84 5.87 -10.51
CA ARG A 140 0.84 4.69 -11.38
C ARG A 140 1.80 3.57 -10.96
N ALA A 141 2.83 3.91 -10.19
CA ALA A 141 3.79 2.91 -9.76
C ALA A 141 4.45 3.33 -8.47
N LEU A 142 5.04 2.37 -7.78
CA LEU A 142 5.88 2.63 -6.62
C LEU A 142 7.32 2.36 -7.07
N PRO A 143 8.25 3.20 -6.62
CA PRO A 143 9.64 3.00 -7.05
C PRO A 143 10.17 1.72 -6.41
N ALA A 144 11.05 1.02 -7.13
CA ALA A 144 11.63 -0.23 -6.64
C ALA A 144 12.32 -0.03 -5.28
N SER A 145 12.97 1.12 -5.12
CA SER A 145 13.70 1.45 -3.90
C SER A 145 12.82 1.57 -2.64
N ILE A 146 11.50 1.54 -2.80
CA ILE A 146 10.62 1.55 -1.63
C ILE A 146 10.94 0.34 -0.72
N ALA A 147 11.43 -0.73 -1.33
CA ALA A 147 11.77 -1.93 -0.59
C ALA A 147 13.04 -1.77 0.25
N SER A 148 13.70 -0.62 0.15
CA SER A 148 14.86 -0.38 1.01
C SER A 148 14.50 0.28 2.36
N LEU A 149 13.21 0.50 2.61
CA LEU A 149 12.78 1.14 3.86
C LEU A 149 12.74 0.11 4.99
N ASN A 150 13.91 -0.21 5.55
CA ASN A 150 14.02 -1.27 6.55
C ASN A 150 13.33 -0.98 7.88
N ARG A 151 12.96 0.27 8.13
CA ARG A 151 12.24 0.62 9.37
C ARG A 151 10.73 0.68 9.15
N LEU A 152 10.30 0.56 7.89
CA LEU A 152 8.89 0.65 7.57
C LEU A 152 8.10 -0.50 8.19
N ARG A 153 7.13 -0.17 9.04
N ARG A 153 7.13 -0.17 9.03
CA ARG A 153 6.32 -1.17 9.74
CA ARG A 153 6.31 -1.13 9.76
C ARG A 153 4.93 -1.31 9.13
C ARG A 153 4.95 -1.31 9.11
N GLU A 154 4.41 -0.22 8.56
CA GLU A 154 3.08 -0.20 7.97
C GLU A 154 3.09 0.55 6.64
N LEU A 155 2.52 -0.07 5.61
CA LEU A 155 2.37 0.57 4.31
C LEU A 155 0.91 0.45 3.93
N SER A 156 0.28 1.59 3.65
N SER A 156 0.30 1.58 3.61
CA SER A 156 -1.13 1.60 3.28
CA SER A 156 -1.12 1.63 3.30
C SER A 156 -1.33 2.39 2.00
C SER A 156 -1.36 2.40 2.02
N ILE A 157 -1.96 1.75 1.02
CA ILE A 157 -2.28 2.39 -0.24
C ILE A 157 -3.78 2.22 -0.49
N ARG A 158 -4.50 3.33 -0.54
CA ARG A 158 -5.96 3.30 -0.69
C ARG A 158 -6.42 4.20 -1.82
N ALA A 159 -7.35 3.72 -2.65
CA ALA A 159 -7.92 4.54 -3.72
C ALA A 159 -6.83 5.11 -4.62
N CYS A 160 -5.91 4.24 -5.03
CA CYS A 160 -4.94 4.59 -6.06
C CYS A 160 -5.22 3.63 -7.22
N PRO A 161 -6.23 3.97 -8.04
CA PRO A 161 -6.77 3.05 -9.05
C PRO A 161 -5.80 2.80 -10.21
N GLU A 162 -4.78 3.64 -10.36
CA GLU A 162 -3.86 3.50 -11.49
C GLU A 162 -2.60 2.73 -11.11
N LEU A 163 -2.46 2.41 -9.83
CA LEU A 163 -1.35 1.59 -9.38
C LEU A 163 -1.66 0.15 -9.72
N THR A 164 -0.88 -0.43 -10.64
CA THR A 164 -1.22 -1.76 -11.14
C THR A 164 -0.25 -2.87 -10.75
N GLU A 165 0.89 -2.47 -10.19
CA GLU A 165 1.91 -3.44 -9.80
C GLU A 165 2.68 -2.98 -8.57
N LEU A 166 3.15 -3.93 -7.78
CA LEU A 166 4.08 -3.65 -6.71
C LEU A 166 5.50 -3.87 -7.22
N PRO A 167 6.48 -3.16 -6.64
CA PRO A 167 7.85 -3.39 -7.08
C PRO A 167 8.39 -4.69 -6.52
N GLU A 168 9.52 -5.14 -7.04
CA GLU A 168 10.10 -6.37 -6.56
C GLU A 168 11.62 -6.30 -6.72
N PRO A 169 12.36 -7.01 -5.86
CA PRO A 169 11.83 -7.79 -4.73
C PRO A 169 11.44 -6.90 -3.55
N LEU A 170 10.39 -7.30 -2.82
CA LEU A 170 9.91 -6.61 -1.63
C LEU A 170 10.82 -6.92 -0.46
N ALA A 171 11.32 -8.15 -0.47
CA ALA A 171 12.32 -8.60 0.48
C ALA A 171 13.03 -9.78 -0.16
N SER A 172 14.23 -10.06 0.31
CA SER A 172 14.99 -11.18 -0.22
C SER A 172 15.68 -11.91 0.92
N THR A 173 16.06 -13.16 0.66
CA THR A 173 16.77 -13.96 1.64
C THR A 173 17.99 -14.62 0.99
N ASP A 174 19.18 -14.36 1.54
CA ASP A 174 20.40 -15.09 1.16
C ASP A 174 20.13 -16.59 1.02
N SER A 176 22.90 -17.83 3.25
CA SER A 176 23.12 -17.44 4.64
C SER A 176 21.82 -17.48 5.43
N GLY A 177 20.71 -17.17 4.76
CA GLY A 177 19.41 -17.11 5.40
C GLY A 177 19.12 -15.71 5.92
N GLU A 178 20.01 -14.77 5.59
CA GLU A 178 19.85 -13.39 6.05
C GLU A 178 18.87 -12.60 5.15
N HIS A 179 18.16 -11.66 5.76
CA HIS A 179 17.04 -11.00 5.13
C HIS A 179 17.31 -9.53 4.83
N GLN A 180 16.85 -9.07 3.66
CA GLN A 180 17.04 -7.69 3.26
C GLN A 180 15.75 -7.16 2.68
N GLY A 181 15.57 -5.84 2.74
CA GLY A 181 14.40 -5.23 2.16
C GLY A 181 13.42 -4.80 3.24
N LEU A 182 12.13 -5.05 3.03
CA LEU A 182 11.09 -4.63 3.97
C LEU A 182 10.98 -5.62 5.13
N VAL A 183 12.10 -5.80 5.83
CA VAL A 183 12.20 -6.81 6.88
C VAL A 183 11.40 -6.50 8.14
N ASN A 184 10.98 -5.25 8.32
CA ASN A 184 10.20 -4.88 9.51
C ASN A 184 8.73 -4.63 9.22
N LEU A 185 8.33 -4.83 7.97
CA LEU A 185 6.96 -4.56 7.58
C LEU A 185 6.02 -5.56 8.26
N GLN A 186 5.04 -5.01 8.99
CA GLN A 186 4.11 -5.83 9.77
C GLN A 186 2.72 -5.81 9.16
N SER A 187 2.41 -4.75 8.43
CA SER A 187 1.08 -4.57 7.90
C SER A 187 1.14 -3.95 6.51
N LEU A 188 0.49 -4.61 5.55
CA LEU A 188 0.43 -4.09 4.20
C LEU A 188 -1.03 -4.00 3.82
N ARG A 189 -1.47 -2.81 3.45
CA ARG A 189 -2.86 -2.63 3.03
C ARG A 189 -2.91 -2.01 1.65
N LEU A 190 -3.67 -2.64 0.77
CA LEU A 190 -3.80 -2.21 -0.60
C LEU A 190 -5.29 -2.28 -0.91
N GLU A 191 -5.95 -1.13 -0.95
CA GLU A 191 -7.39 -1.08 -1.06
C GLU A 191 -7.78 -0.18 -2.21
N TRP A 192 -8.69 -0.66 -3.06
CA TRP A 192 -9.07 0.06 -4.27
C TRP A 192 -7.86 0.45 -5.13
N THR A 193 -7.10 -0.54 -5.56
CA THR A 193 -5.94 -0.31 -6.43
C THR A 193 -6.21 -1.04 -7.74
N GLY A 194 -5.28 -0.98 -8.69
CA GLY A 194 -5.42 -1.74 -9.93
C GLY A 194 -4.51 -2.97 -9.95
N ILE A 195 -4.06 -3.39 -8.78
CA ILE A 195 -3.12 -4.50 -8.66
C ILE A 195 -3.78 -5.83 -9.01
N ARG A 196 -3.13 -6.59 -9.88
CA ARG A 196 -3.67 -7.86 -10.38
C ARG A 196 -2.95 -9.09 -9.81
N SER A 197 -1.71 -8.90 -9.35
CA SER A 197 -0.97 -10.01 -8.73
C SER A 197 0.13 -9.49 -7.82
N LEU A 198 0.62 -10.36 -6.95
CA LEU A 198 1.68 -10.01 -6.01
C LEU A 198 3.02 -10.59 -6.43
N PRO A 199 4.11 -9.86 -6.19
CA PRO A 199 5.43 -10.42 -6.44
C PRO A 199 5.62 -11.68 -5.59
N ALA A 200 6.33 -12.66 -6.12
CA ALA A 200 6.62 -13.89 -5.36
C ALA A 200 7.30 -13.58 -4.04
N SER A 201 8.05 -12.48 -4.01
CA SER A 201 8.83 -12.07 -2.83
C SER A 201 7.97 -11.62 -1.65
N ILE A 202 6.68 -11.42 -1.86
CA ILE A 202 5.77 -11.19 -0.75
C ILE A 202 5.94 -12.26 0.33
N ALA A 203 6.20 -13.49 -0.09
CA ALA A 203 6.40 -14.61 0.83
C ALA A 203 7.72 -14.53 1.62
N ASN A 204 8.54 -13.53 1.31
CA ASN A 204 9.82 -13.30 2.02
C ASN A 204 9.71 -12.31 3.18
N LEU A 205 8.54 -11.73 3.37
CA LEU A 205 8.38 -10.69 4.40
C LEU A 205 8.31 -11.34 5.79
N GLN A 206 9.44 -11.39 6.48
CA GLN A 206 9.55 -12.16 7.72
C GLN A 206 8.67 -11.65 8.85
N ASN A 207 8.32 -10.38 8.84
CA ASN A 207 7.56 -9.82 9.95
C ASN A 207 6.12 -9.46 9.64
N LEU A 208 5.69 -9.75 8.41
CA LEU A 208 4.34 -9.38 7.97
C LEU A 208 3.29 -10.20 8.74
N LYS A 209 2.40 -9.50 9.42
CA LYS A 209 1.37 -10.13 10.23
C LYS A 209 -0.01 -9.99 9.61
N SER A 210 -0.17 -8.94 8.79
CA SER A 210 -1.49 -8.62 8.25
C SER A 210 -1.36 -8.18 6.80
N LEU A 211 -2.06 -8.87 5.92
CA LEU A 211 -2.09 -8.51 4.51
C LEU A 211 -3.53 -8.26 4.11
N LYS A 212 -3.83 -7.03 3.71
CA LYS A 212 -5.16 -6.70 3.24
C LYS A 212 -5.08 -6.20 1.81
N ILE A 213 -5.70 -6.93 0.90
CA ILE A 213 -5.88 -6.49 -0.50
C ILE A 213 -7.37 -6.49 -0.76
N ARG A 214 -7.97 -5.31 -0.79
CA ARG A 214 -9.40 -5.18 -0.91
C ARG A 214 -9.81 -4.41 -2.14
N ASN A 215 -10.93 -4.80 -2.74
CA ASN A 215 -11.51 -4.08 -3.86
C ASN A 215 -10.51 -3.78 -4.97
N SER A 216 -9.73 -4.78 -5.31
CA SER A 216 -8.70 -4.67 -6.35
C SER A 216 -8.85 -5.87 -7.28
N PRO A 217 -8.40 -5.72 -8.55
CA PRO A 217 -8.52 -6.82 -9.51
C PRO A 217 -7.48 -7.93 -9.32
N LEU A 218 -7.15 -8.27 -8.08
CA LEU A 218 -6.26 -9.37 -7.79
C LEU A 218 -6.79 -10.63 -8.48
N SER A 219 -6.02 -11.13 -9.45
CA SER A 219 -6.53 -12.19 -10.31
C SER A 219 -6.04 -13.56 -9.87
N ALA A 220 -4.96 -13.58 -9.09
CA ALA A 220 -4.41 -14.84 -8.61
C ALA A 220 -3.57 -14.65 -7.37
N LEU A 221 -3.49 -15.71 -6.57
CA LEU A 221 -2.72 -15.72 -5.34
C LEU A 221 -1.98 -17.05 -5.27
N GLY A 222 -0.67 -17.01 -5.10
CA GLY A 222 0.14 -18.22 -5.09
C GLY A 222 0.17 -18.88 -3.73
N PRO A 223 0.40 -20.19 -3.71
CA PRO A 223 0.40 -20.96 -2.46
C PRO A 223 1.56 -20.62 -1.50
N ALA A 224 2.60 -19.97 -1.99
CA ALA A 224 3.71 -19.56 -1.13
C ALA A 224 3.30 -18.51 -0.09
N ILE A 225 2.19 -17.81 -0.33
CA ILE A 225 1.62 -16.91 0.66
C ILE A 225 1.42 -17.63 2.00
N HIS A 226 1.19 -18.94 1.96
CA HIS A 226 1.07 -19.74 3.19
C HIS A 226 2.41 -20.10 3.82
N HIS A 227 3.52 -19.62 3.25
CA HIS A 227 4.82 -19.84 3.84
C HIS A 227 5.35 -18.65 4.65
N LEU A 228 4.56 -17.58 4.69
N LEU A 228 4.56 -17.58 4.69
CA LEU A 228 4.89 -16.43 5.52
CA LEU A 228 4.90 -16.42 5.52
C LEU A 228 4.92 -16.81 7.00
C LEU A 228 4.91 -16.80 6.99
N PRO A 229 6.08 -16.64 7.65
CA PRO A 229 6.27 -17.12 9.02
C PRO A 229 5.39 -16.45 10.09
N LYS A 230 4.92 -15.22 9.85
CA LYS A 230 4.16 -14.53 10.89
C LYS A 230 2.76 -14.08 10.46
N LEU A 231 2.35 -14.43 9.25
CA LEU A 231 1.06 -13.95 8.73
C LEU A 231 -0.10 -14.52 9.54
N GLU A 232 -0.88 -13.62 10.15
CA GLU A 232 -2.01 -14.01 10.99
C GLU A 232 -3.35 -13.62 10.38
N GLU A 233 -3.33 -12.63 9.48
CA GLU A 233 -4.56 -12.10 8.90
C GLU A 233 -4.41 -11.88 7.40
N LEU A 234 -5.29 -12.48 6.62
CA LEU A 234 -5.31 -12.28 5.18
C LEU A 234 -6.72 -11.82 4.81
N ASP A 235 -6.84 -10.59 4.35
CA ASP A 235 -8.16 -10.00 4.12
C ASP A 235 -8.23 -9.62 2.65
N LEU A 236 -9.07 -10.33 1.90
CA LEU A 236 -9.14 -10.15 0.45
C LEU A 236 -10.52 -9.66 0.00
N ARG A 237 -11.22 -8.97 0.87
CA ARG A 237 -12.62 -8.64 0.59
C ARG A 237 -12.81 -7.76 -0.65
N GLY A 238 -13.81 -8.09 -1.44
CA GLY A 238 -14.13 -7.29 -2.62
C GLY A 238 -13.18 -7.54 -3.77
N CYS A 239 -12.41 -8.61 -3.70
CA CYS A 239 -11.57 -8.99 -4.84
C CYS A 239 -12.39 -9.82 -5.83
N THR A 240 -13.13 -9.13 -6.69
CA THR A 240 -14.12 -9.79 -7.54
C THR A 240 -13.53 -10.49 -8.75
N ALA A 241 -12.20 -10.40 -8.93
CA ALA A 241 -11.55 -11.09 -10.06
C ALA A 241 -10.91 -12.40 -9.63
N LEU A 242 -10.76 -12.58 -8.32
CA LEU A 242 -10.16 -13.78 -7.76
C LEU A 242 -11.09 -14.98 -7.95
N ARG A 243 -10.59 -16.03 -8.59
CA ARG A 243 -11.45 -17.16 -8.92
C ARG A 243 -11.09 -18.45 -8.19
N ASN A 244 -9.85 -18.58 -7.75
CA ASN A 244 -9.47 -19.70 -6.90
C ASN A 244 -8.61 -19.24 -5.75
N TYR A 245 -8.85 -19.80 -4.57
CA TYR A 245 -7.95 -19.58 -3.44
C TYR A 245 -6.90 -20.71 -3.45
N PRO A 246 -5.60 -20.37 -3.33
CA PRO A 246 -4.54 -21.38 -3.48
C PRO A 246 -4.49 -22.42 -2.36
N PRO A 247 -3.98 -23.62 -2.66
CA PRO A 247 -3.82 -24.66 -1.64
C PRO A 247 -2.83 -24.26 -0.56
N ILE A 248 -2.90 -24.95 0.57
CA ILE A 248 -2.00 -24.66 1.69
C ILE A 248 -0.68 -25.42 1.48
N PHE A 249 -0.79 -26.66 1.01
CA PHE A 249 0.38 -27.54 0.84
C PHE A 249 1.19 -27.64 2.14
N GLY A 250 2.47 -27.34 2.06
CA GLY A 250 3.32 -27.41 3.24
C GLY A 250 3.35 -26.13 4.06
N GLY A 251 2.51 -25.16 3.70
CA GLY A 251 2.51 -23.86 4.35
C GLY A 251 2.14 -23.88 5.82
N ARG A 252 2.98 -23.29 6.65
CA ARG A 252 2.70 -23.20 8.09
C ARG A 252 2.46 -21.77 8.61
N ALA A 253 2.10 -20.86 7.72
CA ALA A 253 1.70 -19.51 8.15
C ALA A 253 0.65 -19.62 9.25
N PRO A 254 0.88 -18.91 10.37
CA PRO A 254 -0.02 -19.02 11.53
C PRO A 254 -1.30 -18.23 11.31
N LEU A 255 -1.97 -18.48 10.18
CA LEU A 255 -3.15 -17.73 9.79
C LEU A 255 -4.33 -17.95 10.75
N LYS A 256 -4.86 -16.84 11.26
CA LYS A 256 -5.99 -16.86 12.19
C LYS A 256 -7.27 -16.35 11.55
N ARG A 257 -7.14 -15.43 10.60
CA ARG A 257 -8.30 -14.82 9.97
C ARG A 257 -8.13 -14.84 8.47
N LEU A 258 -9.12 -15.41 7.78
CA LEU A 258 -9.15 -15.44 6.33
C LEU A 258 -10.48 -14.86 5.84
N ILE A 259 -10.43 -13.65 5.30
CA ILE A 259 -11.62 -12.91 4.90
C ILE A 259 -11.71 -12.89 3.39
N LEU A 260 -12.70 -13.60 2.85
CA LEU A 260 -12.91 -13.63 1.42
C LEU A 260 -14.28 -13.04 1.09
N LYS A 261 -14.74 -12.18 1.98
CA LYS A 261 -16.06 -11.56 1.83
C LYS A 261 -16.22 -10.85 0.49
N ASP A 262 -17.35 -11.08 -0.17
CA ASP A 262 -17.65 -10.43 -1.46
C ASP A 262 -16.63 -10.69 -2.58
N CYS A 263 -15.94 -11.83 -2.52
CA CYS A 263 -15.18 -12.26 -3.68
C CYS A 263 -16.19 -12.97 -4.58
N SER A 264 -16.88 -12.16 -5.38
N SER A 264 -16.90 -12.17 -5.38
CA SER A 264 -18.08 -12.59 -6.09
CA SER A 264 -18.10 -12.64 -6.07
C SER A 264 -17.82 -13.65 -7.15
C SER A 264 -17.85 -13.59 -7.23
N ASN A 265 -16.59 -13.72 -7.65
CA ASN A 265 -16.26 -14.69 -8.70
C ASN A 265 -15.43 -15.89 -8.20
N LEU A 266 -15.21 -15.94 -6.89
CA LEU A 266 -14.49 -17.06 -6.30
C LEU A 266 -15.25 -18.36 -6.56
N LEU A 267 -14.61 -19.30 -7.24
CA LEU A 267 -15.28 -20.57 -7.59
C LEU A 267 -14.95 -21.75 -6.67
N THR A 268 -13.73 -21.77 -6.12
CA THR A 268 -13.29 -22.91 -5.31
C THR A 268 -12.43 -22.52 -4.10
N LEU A 269 -12.51 -23.31 -3.03
CA LEU A 269 -11.51 -23.30 -1.97
C LEU A 269 -10.70 -24.57 -2.14
N PRO A 270 -9.45 -24.59 -1.67
CA PRO A 270 -8.67 -25.82 -1.83
C PRO A 270 -9.19 -26.94 -0.93
N LEU A 271 -8.92 -28.19 -1.31
CA LEU A 271 -9.34 -29.33 -0.50
C LEU A 271 -8.58 -29.42 0.83
N ASP A 272 -7.38 -28.86 0.87
CA ASP A 272 -6.56 -28.95 2.08
C ASP A 272 -6.69 -27.73 2.96
N ILE A 273 -7.84 -27.07 2.89
CA ILE A 273 -8.10 -25.86 3.66
C ILE A 273 -8.03 -26.14 5.17
N HIS A 274 -8.29 -27.39 5.56
CA HIS A 274 -8.19 -27.81 6.96
C HIS A 274 -6.76 -27.71 7.52
N ARG A 275 -5.78 -27.50 6.64
CA ARG A 275 -4.38 -27.37 7.08
C ARG A 275 -4.11 -26.02 7.76
N LEU A 276 -5.08 -25.10 7.64
CA LEU A 276 -5.03 -23.87 8.42
C LEU A 276 -5.46 -24.19 9.86
N THR A 277 -4.56 -24.83 10.62
CA THR A 277 -4.93 -25.42 11.90
C THR A 277 -5.14 -24.39 13.01
N GLN A 278 -4.83 -23.14 12.72
CA GLN A 278 -5.01 -22.07 13.70
C GLN A 278 -6.11 -21.11 13.30
N LEU A 279 -6.84 -21.44 12.24
CA LEU A 279 -7.89 -20.56 11.75
C LEU A 279 -8.96 -20.31 12.80
N GLU A 280 -9.30 -19.04 12.99
CA GLU A 280 -10.30 -18.64 13.98
C GLU A 280 -11.51 -17.99 13.29
N LYS A 281 -11.28 -17.42 12.10
CA LYS A 281 -12.37 -16.83 11.32
C LYS A 281 -12.22 -17.07 9.81
N LEU A 282 -13.25 -17.63 9.20
CA LEU A 282 -13.31 -17.77 7.75
C LEU A 282 -14.59 -17.10 7.30
N ASP A 283 -14.47 -16.04 6.51
CA ASP A 283 -15.62 -15.23 6.11
C ASP A 283 -15.84 -15.41 4.61
N LEU A 284 -16.97 -16.03 4.24
CA LEU A 284 -17.24 -16.30 2.84
C LEU A 284 -18.50 -15.61 2.33
N ARG A 285 -19.06 -14.71 3.13
CA ARG A 285 -20.27 -14.02 2.73
C ARG A 285 -20.06 -13.29 1.41
N GLY A 286 -21.06 -13.32 0.54
CA GLY A 286 -20.99 -12.63 -0.74
C GLY A 286 -20.26 -13.41 -1.82
N CYS A 287 -19.79 -14.61 -1.48
CA CYS A 287 -19.17 -15.50 -2.47
C CYS A 287 -20.28 -16.29 -3.16
N VAL A 288 -20.97 -15.60 -4.06
CA VAL A 288 -22.18 -16.12 -4.67
C VAL A 288 -21.88 -17.16 -5.73
N ASN A 289 -20.62 -17.21 -6.19
CA ASN A 289 -20.24 -18.20 -7.20
C ASN A 289 -19.47 -19.40 -6.64
N LEU A 290 -19.24 -19.41 -5.33
CA LEU A 290 -18.55 -20.52 -4.68
C LEU A 290 -19.47 -21.75 -4.71
N SER A 291 -19.24 -22.63 -5.68
CA SER A 291 -20.15 -23.71 -5.97
C SER A 291 -20.27 -24.71 -4.81
N ARG A 292 -19.14 -25.01 -4.18
CA ARG A 292 -19.15 -25.95 -3.07
C ARG A 292 -18.06 -25.60 -2.06
N LEU A 293 -18.25 -26.07 -0.82
CA LEU A 293 -17.21 -26.00 0.19
C LEU A 293 -16.48 -27.33 0.11
N PRO A 294 -15.17 -27.34 0.46
CA PRO A 294 -14.46 -28.61 0.56
C PRO A 294 -15.10 -29.48 1.63
N SER A 295 -15.08 -30.80 1.45
CA SER A 295 -15.67 -31.70 2.44
C SER A 295 -14.95 -31.59 3.77
N LEU A 296 -13.64 -31.35 3.70
CA LEU A 296 -12.79 -31.31 4.88
C LEU A 296 -12.85 -29.95 5.59
N ILE A 297 -13.86 -29.17 5.25
CA ILE A 297 -14.12 -27.89 5.93
C ILE A 297 -14.69 -28.14 7.32
N ALA A 298 -15.18 -29.37 7.54
CA ALA A 298 -15.59 -29.81 8.87
C ALA A 298 -14.36 -30.00 9.76
N GLN A 299 -13.20 -30.12 9.12
CA GLN A 299 -11.95 -30.34 9.84
C GLN A 299 -11.30 -29.05 10.35
N LEU A 300 -11.87 -27.90 10.02
CA LEU A 300 -11.41 -26.64 10.59
C LEU A 300 -11.59 -26.65 12.11
N PRO A 301 -10.80 -25.84 12.84
CA PRO A 301 -10.87 -25.90 14.31
C PRO A 301 -12.29 -25.68 14.82
N ALA A 302 -12.65 -26.34 15.92
CA ALA A 302 -14.03 -26.31 16.43
C ALA A 302 -14.51 -24.89 16.72
N ASN A 303 -13.63 -24.08 17.29
CA ASN A 303 -14.00 -22.73 17.69
C ASN A 303 -13.80 -21.71 16.58
N CYS A 304 -13.64 -22.20 15.35
CA CYS A 304 -13.49 -21.31 14.20
C CYS A 304 -14.84 -20.85 13.67
N ILE A 305 -15.05 -19.53 13.68
CA ILE A 305 -16.28 -18.95 13.19
C ILE A 305 -16.26 -18.92 11.66
N ILE A 306 -17.17 -19.66 11.05
CA ILE A 306 -17.26 -19.72 9.60
C ILE A 306 -18.54 -19.04 9.16
N LEU A 307 -18.43 -17.98 8.35
CA LEU A 307 -19.59 -17.29 7.82
C LEU A 307 -19.74 -17.58 6.33
N VAL A 308 -20.90 -18.08 5.93
CA VAL A 308 -21.11 -18.47 4.53
C VAL A 308 -22.33 -17.78 3.92
N PRO A 309 -22.39 -17.71 2.57
CA PRO A 309 -23.62 -17.26 1.91
C PRO A 309 -24.73 -18.29 2.08
N PRO A 310 -25.99 -17.87 1.96
CA PRO A 310 -27.14 -18.77 2.17
C PRO A 310 -27.08 -20.08 1.36
N HIS A 311 -26.64 -20.04 0.11
CA HIS A 311 -26.68 -21.24 -0.74
C HIS A 311 -25.72 -22.34 -0.27
N LEU A 312 -24.82 -21.97 0.64
CA LEU A 312 -23.81 -22.90 1.16
C LEU A 312 -24.06 -23.30 2.61
N GLN A 313 -25.05 -22.68 3.24
CA GLN A 313 -25.30 -22.90 4.67
C GLN A 313 -25.64 -24.36 5.01
N ALA A 314 -26.39 -25.03 4.15
CA ALA A 314 -26.78 -26.42 4.38
C ALA A 314 -25.54 -27.29 4.58
N GLN A 315 -24.57 -27.13 3.67
CA GLN A 315 -23.28 -27.78 3.81
C GLN A 315 -22.45 -27.12 4.91
CL CL B . -20.02 -6.53 9.96
CL CL C . 3.59 9.08 16.57
CL CL D . 9.57 -10.95 -6.52
CL CL E . 18.33 0.96 12.72
P PO4 F . -6.30 28.99 -10.71
O1 PO4 F . -6.41 27.49 -10.72
O2 PO4 F . -5.98 29.47 -9.31
O3 PO4 F . -5.18 29.42 -11.63
O4 PO4 F . -7.60 29.61 -11.16
P PO4 G . -26.62 -16.73 -2.46
O1 PO4 G . -26.05 -17.77 -1.52
O2 PO4 G . -28.10 -16.98 -2.65
O3 PO4 G . -26.43 -15.36 -1.84
O4 PO4 G . -25.91 -16.80 -3.79
P PO4 H . -2.69 31.26 -9.50
O1 PO4 H . -1.28 30.72 -9.50
O2 PO4 H . -3.55 30.43 -8.57
O3 PO4 H . -2.67 32.68 -9.02
O4 PO4 H . -3.25 31.18 -10.90
C1 EDO I . 4.33 -24.66 -3.06
O1 EDO I . 4.24 -24.80 -1.64
C2 EDO I . 4.25 -23.18 -3.43
O2 EDO I . 5.30 -22.44 -2.80
#